data_1GA0
#
_entry.id   1GA0
#
_cell.length_a   77.0
_cell.length_b   69.0
_cell.length_c   62.5
_cell.angle_alpha   90.0
_cell.angle_beta   90.0
_cell.angle_gamma   90.0
#
_symmetry.space_group_name_H-M   'P 21 21 2'
#
loop_
_entity.id
_entity.type
_entity.pdbx_description
1 polymer BETA-LACTAMASE
2 non-polymer 'SODIUM ION'
3 non-polymer '3-(4-CARBAMOYL-1-CARBOXY-2-METHYLSULFONYL-BUTA-1,3-DIENYLAMINO)-INDOLIZINE-2-CARBOXYLIC ACID'
4 non-polymer GLYCEROL
5 water water
#
_entity_poly.entity_id   1
_entity_poly.type   'polypeptide(L)'
_entity_poly.pdbx_seq_one_letter_code
;TPVSEKQLAEVVANTVTPLMKAQSVPGMAVAVIYQGKPHYYTFGKADIAANKPVTPQTLFELGSISKTFTGVLGGDAIAR
GEISLDDPVTRYWPQLTGKQWQGIRMLDLATYTAGGLPLQVPDEVTDNASLLRFYQNWQPQWKPGTTRLYANASIGLFGA
LAVKPSGMPYEQAMTTRVLKPLKLDHTWINVPKAEEAHYAWGYRDGKAVRAVRVSPGMLDAQAYGVKTNVQDMANWVMAN
MAPENVADASLKQGIALAQSRYWRIGSMYQGLGWEMLNWPVEANTVVEGSDSKVALAPLPVAEVNPPAPPVKASWVHKTG
STGGFGSYVAFIPEKQIGIVMLANTSYPNPARVEAAYHILEALQ
;
_entity_poly.pdbx_strand_id   A
#
# COMPACT_ATOMS: atom_id res chain seq x y z
N PRO A 2 -25.46 10.03 -12.43
CA PRO A 2 -26.38 9.30 -11.54
C PRO A 2 -26.62 7.88 -12.03
N VAL A 3 -25.53 7.13 -12.20
CA VAL A 3 -25.58 5.74 -12.63
C VAL A 3 -26.29 4.91 -11.56
N SER A 4 -27.17 3.99 -11.99
CA SER A 4 -27.90 3.16 -11.04
C SER A 4 -27.01 2.00 -10.60
N GLU A 5 -27.43 1.30 -9.55
CA GLU A 5 -26.70 0.15 -9.05
C GLU A 5 -26.73 -0.92 -10.14
N LYS A 6 -27.86 -1.00 -10.85
CA LYS A 6 -28.00 -1.98 -11.93
C LYS A 6 -26.94 -1.73 -13.00
N GLN A 7 -26.77 -0.47 -13.37
CA GLN A 7 -25.78 -0.11 -14.38
C GLN A 7 -24.36 -0.35 -13.87
N LEU A 8 -24.12 -0.04 -12.60
CA LEU A 8 -22.79 -0.23 -12.01
C LEU A 8 -22.42 -1.71 -12.06
N ALA A 9 -23.36 -2.57 -11.70
CA ALA A 9 -23.11 -4.00 -11.73
C ALA A 9 -22.70 -4.48 -13.13
N GLU A 10 -23.32 -3.92 -14.17
CA GLU A 10 -23.00 -4.29 -15.55
C GLU A 10 -21.61 -3.79 -15.94
N VAL A 11 -21.33 -2.53 -15.61
CA VAL A 11 -20.04 -1.93 -15.91
C VAL A 11 -18.91 -2.77 -15.31
N VAL A 12 -19.07 -3.19 -14.05
CA VAL A 12 -18.03 -3.98 -13.40
C VAL A 12 -17.88 -5.35 -14.06
N ALA A 13 -19.00 -6.03 -14.28
CA ALA A 13 -18.94 -7.36 -14.89
C ALA A 13 -18.34 -7.30 -16.30
N ASN A 14 -18.77 -6.33 -17.09
CA ASN A 14 -18.26 -6.21 -18.46
C ASN A 14 -16.78 -5.85 -18.54
N THR A 15 -16.21 -5.35 -17.46
CA THR A 15 -14.80 -4.98 -17.44
C THR A 15 -13.95 -6.11 -16.83
N VAL A 16 -14.38 -6.62 -15.69
CA VAL A 16 -13.63 -7.66 -15.00
C VAL A 16 -13.63 -9.01 -15.71
N THR A 17 -14.77 -9.43 -16.24
CA THR A 17 -14.84 -10.71 -16.92
C THR A 17 -13.83 -10.88 -18.07
N PRO A 18 -13.78 -9.91 -19.01
CA PRO A 18 -12.82 -9.99 -20.13
C PRO A 18 -11.40 -9.94 -19.58
N LEU A 19 -11.22 -9.18 -18.51
CA LEU A 19 -9.92 -9.02 -17.87
C LEU A 19 -9.40 -10.35 -17.33
N MET A 20 -10.24 -11.05 -16.58
CA MET A 20 -9.84 -12.30 -15.97
C MET A 20 -9.54 -13.37 -17.01
N LYS A 21 -10.28 -13.38 -18.10
CA LYS A 21 -10.05 -14.38 -19.13
C LYS A 21 -8.76 -14.07 -19.88
N ALA A 22 -8.54 -12.80 -20.20
CA ALA A 22 -7.34 -12.38 -20.92
C ALA A 22 -6.05 -12.56 -20.11
N GLN A 23 -6.13 -12.36 -18.80
CA GLN A 23 -4.97 -12.48 -17.93
C GLN A 23 -4.93 -13.78 -17.14
N SER A 24 -5.86 -14.68 -17.44
CA SER A 24 -5.93 -15.98 -16.76
C SER A 24 -5.98 -15.85 -15.24
N VAL A 25 -6.88 -15.00 -14.76
CA VAL A 25 -7.06 -14.79 -13.32
C VAL A 25 -8.09 -15.78 -12.76
N PRO A 26 -7.68 -16.64 -11.81
CA PRO A 26 -8.62 -17.62 -11.24
C PRO A 26 -9.81 -16.97 -10.54
N GLY A 27 -9.54 -15.97 -9.70
CA GLY A 27 -10.61 -15.31 -8.98
C GLY A 27 -10.32 -13.87 -8.61
N MET A 28 -11.37 -13.09 -8.43
CA MET A 28 -11.22 -11.70 -8.07
C MET A 28 -12.40 -11.18 -7.25
N ALA A 29 -12.07 -10.35 -6.26
CA ALA A 29 -13.07 -9.71 -5.37
C ALA A 29 -12.91 -8.22 -5.63
N VAL A 30 -14.02 -7.58 -6.00
CA VAL A 30 -14.02 -6.16 -6.32
C VAL A 30 -15.02 -5.41 -5.44
N ALA A 31 -14.66 -4.21 -5.04
CA ALA A 31 -15.56 -3.38 -4.25
C ALA A 31 -15.50 -1.99 -4.84
N VAL A 32 -16.65 -1.40 -5.13
CA VAL A 32 -16.69 -0.03 -5.65
C VAL A 32 -17.42 0.82 -4.59
N ILE A 33 -16.82 1.94 -4.22
CA ILE A 33 -17.40 2.85 -3.24
C ILE A 33 -18.12 3.90 -4.08
N TYR A 34 -19.41 4.05 -3.85
CA TYR A 34 -20.21 4.99 -4.63
C TYR A 34 -21.44 5.36 -3.84
N GLN A 35 -21.70 6.66 -3.76
CA GLN A 35 -22.84 7.20 -3.04
C GLN A 35 -22.83 6.80 -1.57
N GLY A 36 -21.67 6.93 -0.94
CA GLY A 36 -21.53 6.63 0.47
C GLY A 36 -21.45 5.20 0.96
N LYS A 37 -21.39 4.22 0.06
CA LYS A 37 -21.32 2.86 0.53
C LYS A 37 -20.58 1.96 -0.44
N PRO A 38 -20.17 0.78 0.04
CA PRO A 38 -19.45 -0.18 -0.82
C PRO A 38 -20.44 -1.09 -1.55
N HIS A 39 -20.06 -1.48 -2.76
CA HIS A 39 -20.85 -2.37 -3.60
C HIS A 39 -19.86 -3.50 -3.91
N TYR A 40 -20.25 -4.74 -3.60
CA TYR A 40 -19.38 -5.88 -3.78
C TYR A 40 -19.73 -6.78 -4.97
N TYR A 41 -18.68 -7.26 -5.64
CA TYR A 41 -18.80 -8.14 -6.79
C TYR A 41 -17.67 -9.18 -6.68
N THR A 42 -18.03 -10.46 -6.70
CA THR A 42 -17.00 -11.50 -6.62
C THR A 42 -17.09 -12.38 -7.85
N PHE A 43 -15.93 -12.84 -8.30
CA PHE A 43 -15.82 -13.67 -9.50
C PHE A 43 -14.82 -14.81 -9.29
N GLY A 44 -15.06 -15.93 -9.96
CA GLY A 44 -14.13 -17.05 -9.91
C GLY A 44 -13.89 -17.85 -8.65
N LYS A 45 -12.71 -18.49 -8.62
CA LYS A 45 -12.31 -19.37 -7.55
C LYS A 45 -11.18 -18.89 -6.65
N ALA A 46 -11.31 -19.16 -5.36
CA ALA A 46 -10.30 -18.81 -4.38
C ALA A 46 -9.30 -19.97 -4.28
N ASP A 47 -9.79 -21.17 -4.56
CA ASP A 47 -8.98 -22.38 -4.52
C ASP A 47 -9.49 -23.25 -5.67
N ILE A 48 -8.69 -23.38 -6.74
CA ILE A 48 -9.08 -24.15 -7.90
C ILE A 48 -9.28 -25.66 -7.64
N ALA A 49 -8.30 -26.30 -7.00
CA ALA A 49 -8.40 -27.74 -6.72
C ALA A 49 -9.56 -28.09 -5.79
N ALA A 50 -9.79 -27.25 -4.78
CA ALA A 50 -10.88 -27.48 -3.84
C ALA A 50 -12.21 -26.98 -4.41
N ASN A 51 -12.16 -26.25 -5.52
CA ASN A 51 -13.36 -25.70 -6.15
C ASN A 51 -14.10 -24.74 -5.22
N LYS A 52 -13.34 -23.95 -4.45
CA LYS A 52 -13.92 -22.97 -3.53
C LYS A 52 -14.06 -21.65 -4.27
N PRO A 53 -15.24 -21.02 -4.21
CA PRO A 53 -15.50 -19.75 -4.90
C PRO A 53 -15.00 -18.53 -4.11
N VAL A 54 -14.74 -17.43 -4.81
CA VAL A 54 -14.33 -16.21 -4.15
C VAL A 54 -15.60 -15.64 -3.48
N THR A 55 -15.49 -15.19 -2.24
CA THR A 55 -16.62 -14.61 -1.53
C THR A 55 -16.15 -13.33 -0.85
N PRO A 56 -17.08 -12.54 -0.28
CA PRO A 56 -16.63 -11.32 0.38
C PRO A 56 -15.76 -11.56 1.61
N GLN A 57 -15.62 -12.82 2.02
CA GLN A 57 -14.81 -13.18 3.18
C GLN A 57 -13.44 -13.74 2.82
N THR A 58 -13.21 -14.02 1.55
CA THR A 58 -11.94 -14.56 1.08
C THR A 58 -10.79 -13.60 1.39
N LEU A 59 -9.69 -14.13 1.94
CA LEU A 59 -8.51 -13.33 2.27
C LEU A 59 -7.52 -13.37 1.10
N PHE A 60 -7.01 -12.19 0.71
CA PHE A 60 -6.03 -12.06 -0.37
C PHE A 60 -4.78 -11.40 0.19
N GLU A 61 -3.64 -11.59 -0.49
CA GLU A 61 -2.38 -10.96 -0.05
C GLU A 61 -2.30 -9.60 -0.74
N LEU A 62 -2.10 -8.54 0.04
CA LEU A 62 -2.04 -7.18 -0.48
C LEU A 62 -0.71 -6.80 -1.11
N GLY A 63 0.35 -7.47 -0.71
CA GLY A 63 1.64 -7.12 -1.24
C GLY A 63 1.99 -5.69 -0.83
N SER A 64 2.47 -4.90 -1.79
CA SER A 64 2.88 -3.53 -1.52
C SER A 64 1.80 -2.53 -1.09
N ILE A 65 0.53 -2.91 -1.20
CA ILE A 65 -0.54 -2.01 -0.76
C ILE A 65 -0.45 -1.96 0.77
N SER A 66 0.31 -2.89 1.33
CA SER A 66 0.54 -2.96 2.78
C SER A 66 1.22 -1.67 3.22
N LYS A 67 1.92 -1.04 2.29
CA LYS A 67 2.62 0.20 2.57
C LYS A 67 1.68 1.35 2.94
N THR A 68 0.43 1.32 2.47
CA THR A 68 -0.50 2.38 2.81
C THR A 68 -0.86 2.28 4.30
N PHE A 69 -0.86 1.07 4.84
CA PHE A 69 -1.15 0.90 6.26
C PHE A 69 0.02 1.42 7.05
N THR A 70 1.24 1.18 6.55
CA THR A 70 2.47 1.65 7.19
C THR A 70 2.49 3.18 7.23
N GLY A 71 2.17 3.80 6.10
CA GLY A 71 2.16 5.24 6.03
C GLY A 71 1.19 5.88 7.01
N VAL A 72 -0.02 5.31 7.11
CA VAL A 72 -1.02 5.84 8.04
C VAL A 72 -0.59 5.62 9.50
N LEU A 73 0.00 4.46 9.78
CA LEU A 73 0.47 4.17 11.13
C LEU A 73 1.58 5.16 11.49
N GLY A 74 2.40 5.50 10.51
CA GLY A 74 3.48 6.45 10.75
C GLY A 74 2.89 7.84 10.94
N GLY A 75 1.86 8.14 10.16
CA GLY A 75 1.21 9.43 10.27
C GLY A 75 0.61 9.57 11.66
N ASP A 76 0.02 8.48 12.17
CA ASP A 76 -0.61 8.48 13.50
C ASP A 76 0.42 8.78 14.59
N ALA A 77 1.59 8.16 14.48
CA ALA A 77 2.66 8.38 15.45
C ALA A 77 3.11 9.85 15.42
N ILE A 78 3.13 10.46 14.24
CA ILE A 78 3.51 11.87 14.08
C ILE A 78 2.46 12.73 14.79
N ALA A 79 1.18 12.46 14.53
CA ALA A 79 0.08 13.20 15.14
C ALA A 79 0.07 13.08 16.66
N ARG A 80 0.70 12.02 17.17
CA ARG A 80 0.79 11.76 18.62
C ARG A 80 1.98 12.48 19.25
N GLY A 81 2.87 12.98 18.40
CA GLY A 81 4.06 13.67 18.87
C GLY A 81 5.23 12.73 19.14
N GLU A 82 5.07 11.43 18.84
CA GLU A 82 6.12 10.44 19.07
C GLU A 82 7.28 10.53 18.08
N ILE A 83 7.02 11.04 16.88
CA ILE A 83 8.07 11.20 15.88
C ILE A 83 7.75 12.41 15.02
N SER A 84 8.75 12.85 14.26
CA SER A 84 8.60 13.96 13.32
C SER A 84 9.31 13.51 12.08
N LEU A 85 8.73 13.80 10.92
CA LEU A 85 9.35 13.42 9.66
C LEU A 85 10.67 14.18 9.46
N ASP A 86 10.83 15.31 10.18
CA ASP A 86 12.03 16.12 10.09
C ASP A 86 13.18 15.65 10.99
N ASP A 87 12.92 14.66 11.83
CA ASP A 87 13.97 14.12 12.71
C ASP A 87 14.92 13.27 11.90
N PRO A 88 16.20 13.20 12.32
CA PRO A 88 17.18 12.37 11.62
C PRO A 88 16.89 10.91 11.96
N VAL A 89 17.18 10.01 11.02
CA VAL A 89 16.95 8.59 11.24
C VAL A 89 17.69 8.12 12.50
N THR A 90 18.89 8.65 12.70
CA THR A 90 19.72 8.28 13.82
C THR A 90 19.12 8.59 15.21
N ARG A 91 18.11 9.45 15.25
CA ARG A 91 17.47 9.77 16.52
C ARG A 91 16.73 8.54 17.08
N TYR A 92 16.27 7.67 16.19
CA TYR A 92 15.52 6.48 16.58
C TYR A 92 16.37 5.22 16.56
N TRP A 93 17.57 5.32 16.01
CA TRP A 93 18.47 4.17 15.96
C TRP A 93 19.86 4.73 16.15
N PRO A 94 20.23 5.07 17.39
CA PRO A 94 21.56 5.63 17.66
C PRO A 94 22.73 4.71 17.31
N GLN A 95 22.48 3.41 17.19
CA GLN A 95 23.56 2.48 16.84
C GLN A 95 24.00 2.66 15.39
N LEU A 96 23.18 3.35 14.61
CA LEU A 96 23.48 3.61 13.21
C LEU A 96 24.43 4.81 13.19
N THR A 97 25.71 4.53 13.42
CA THR A 97 26.75 5.57 13.51
C THR A 97 27.46 6.07 12.26
N GLY A 98 27.36 5.35 11.14
CA GLY A 98 28.01 5.77 9.92
C GLY A 98 27.63 7.20 9.55
N LYS A 99 28.62 8.02 9.19
CA LYS A 99 28.36 9.42 8.84
C LYS A 99 27.57 9.66 7.55
N GLN A 100 27.46 8.64 6.70
CA GLN A 100 26.68 8.78 5.45
C GLN A 100 25.20 9.01 5.77
N TRP A 101 24.82 8.73 7.02
CA TRP A 101 23.44 8.91 7.47
C TRP A 101 23.12 10.33 7.92
N GLN A 102 24.12 11.19 8.06
CA GLN A 102 23.84 12.56 8.48
C GLN A 102 23.06 13.25 7.37
N GLY A 103 21.98 13.94 7.75
CA GLY A 103 21.20 14.63 6.75
C GLY A 103 20.05 13.79 6.23
N ILE A 104 20.02 12.49 6.56
CA ILE A 104 18.93 11.63 6.12
C ILE A 104 17.85 11.66 7.21
N ARG A 105 16.65 12.08 6.81
CA ARG A 105 15.51 12.22 7.72
C ARG A 105 14.53 11.06 7.65
N MET A 106 13.64 11.00 8.63
CA MET A 106 12.60 9.96 8.64
C MET A 106 11.75 10.15 7.38
N LEU A 107 11.60 11.39 6.94
CA LEU A 107 10.84 11.68 5.72
C LEU A 107 11.46 10.98 4.51
N ASP A 108 12.80 10.99 4.42
CA ASP A 108 13.49 10.38 3.30
C ASP A 108 13.30 8.88 3.27
N LEU A 109 13.34 8.25 4.44
CA LEU A 109 13.12 6.81 4.51
C LEU A 109 11.67 6.49 4.11
N ALA A 110 10.72 7.27 4.61
CA ALA A 110 9.31 7.04 4.33
C ALA A 110 8.89 7.21 2.87
N THR A 111 9.60 8.09 2.15
CA THR A 111 9.28 8.40 0.77
C THR A 111 10.28 7.99 -0.31
N TYR A 112 11.22 7.12 0.06
CA TYR A 112 12.21 6.59 -0.88
C TYR A 112 13.27 7.58 -1.38
N THR A 113 13.57 8.62 -0.59
CA THR A 113 14.54 9.63 -1.02
C THR A 113 15.84 9.70 -0.21
N ALA A 114 16.16 8.64 0.51
CA ALA A 114 17.35 8.62 1.34
C ALA A 114 18.64 8.69 0.50
N GLY A 115 18.55 8.37 -0.78
CA GLY A 115 19.74 8.44 -1.63
C GLY A 115 20.13 7.13 -2.30
N GLY A 116 19.15 6.26 -2.55
CA GLY A 116 19.47 5.01 -3.21
C GLY A 116 19.41 3.72 -2.40
N LEU A 117 18.70 3.73 -1.28
CA LEU A 117 18.55 2.50 -0.53
C LEU A 117 17.97 1.53 -1.57
N PRO A 118 18.46 0.29 -1.63
CA PRO A 118 17.97 -0.70 -2.61
C PRO A 118 16.52 -1.20 -2.45
N LEU A 119 15.97 -1.74 -3.54
CA LEU A 119 14.59 -2.25 -3.56
C LEU A 119 14.27 -3.22 -2.43
N GLN A 120 15.17 -4.15 -2.18
CA GLN A 120 14.98 -5.12 -1.13
C GLN A 120 16.14 -5.22 -0.15
N VAL A 121 15.84 -5.69 1.04
CA VAL A 121 16.86 -5.92 2.07
C VAL A 121 17.42 -7.28 1.65
N PRO A 122 18.75 -7.41 1.54
CA PRO A 122 19.35 -8.69 1.15
C PRO A 122 19.01 -9.89 2.04
N ASP A 123 18.93 -11.07 1.43
CA ASP A 123 18.60 -12.29 2.16
C ASP A 123 19.64 -12.62 3.23
N GLU A 124 20.85 -12.12 3.05
CA GLU A 124 21.93 -12.35 4.01
C GLU A 124 21.56 -11.77 5.38
N VAL A 125 20.65 -10.79 5.39
CA VAL A 125 20.20 -10.16 6.63
C VAL A 125 19.22 -11.12 7.30
N THR A 126 19.68 -11.78 8.36
CA THR A 126 18.85 -12.76 9.06
C THR A 126 18.53 -12.47 10.51
N ASP A 127 18.90 -11.27 10.98
CA ASP A 127 18.61 -10.83 12.34
C ASP A 127 18.86 -9.33 12.46
N ASN A 128 18.72 -8.78 13.66
CA ASN A 128 18.92 -7.35 13.81
C ASN A 128 20.38 -6.90 13.74
N ALA A 129 21.30 -7.72 14.21
CA ALA A 129 22.71 -7.36 14.15
C ALA A 129 23.17 -7.26 12.69
N SER A 130 22.68 -8.15 11.83
CA SER A 130 23.05 -8.12 10.43
C SER A 130 22.30 -7.03 9.67
N LEU A 131 21.13 -6.64 10.17
CA LEU A 131 20.36 -5.56 9.53
C LEU A 131 21.16 -4.26 9.73
N LEU A 132 21.64 -4.04 10.96
CA LEU A 132 22.43 -2.86 11.25
C LEU A 132 23.67 -2.84 10.36
N ARG A 133 24.31 -4.00 10.19
CA ARG A 133 25.50 -4.13 9.35
C ARG A 133 25.21 -3.69 7.92
N PHE A 134 24.05 -4.09 7.43
CA PHE A 134 23.61 -3.73 6.09
C PHE A 134 23.48 -2.21 5.94
N TYR A 135 22.78 -1.55 6.86
CA TYR A 135 22.58 -0.11 6.76
C TYR A 135 23.86 0.68 7.01
N GLN A 136 24.73 0.13 7.85
CA GLN A 136 26.02 0.74 8.18
C GLN A 136 26.96 0.71 6.99
N ASN A 137 26.90 -0.38 6.22
CA ASN A 137 27.76 -0.57 5.06
C ASN A 137 27.27 0.11 3.80
N TRP A 138 25.97 0.41 3.76
CA TRP A 138 25.35 1.04 2.60
C TRP A 138 25.97 2.37 2.25
N GLN A 139 26.28 2.55 0.96
CA GLN A 139 26.83 3.81 0.49
C GLN A 139 25.86 4.44 -0.52
N PRO A 140 25.21 5.55 -0.13
CA PRO A 140 24.26 6.19 -1.05
C PRO A 140 24.88 6.65 -2.35
N GLN A 141 24.12 6.46 -3.43
CA GLN A 141 24.55 6.85 -4.76
C GLN A 141 24.15 8.31 -5.02
N TRP A 142 23.22 8.82 -4.22
CA TRP A 142 22.76 10.20 -4.39
C TRP A 142 22.63 10.89 -3.03
N LYS A 143 22.68 12.22 -3.06
CA LYS A 143 22.51 13.02 -1.84
C LYS A 143 21.06 12.85 -1.42
N PRO A 144 20.75 13.07 -0.12
CA PRO A 144 19.37 12.92 0.37
C PRO A 144 18.41 13.94 -0.27
N GLY A 145 17.16 13.55 -0.44
CA GLY A 145 16.18 14.47 -1.02
C GLY A 145 16.38 14.90 -2.45
N THR A 146 17.03 14.08 -3.27
CA THR A 146 17.27 14.45 -4.65
C THR A 146 16.78 13.40 -5.66
N THR A 147 16.70 12.15 -5.21
CA THR A 147 16.29 11.06 -6.09
C THR A 147 15.33 10.10 -5.39
N ARG A 148 14.28 9.71 -6.09
CA ARG A 148 13.30 8.77 -5.56
C ARG A 148 13.57 7.41 -6.18
N LEU A 149 13.77 6.40 -5.33
CA LEU A 149 13.98 5.03 -5.80
C LEU A 149 13.11 4.15 -4.90
N TYR A 150 11.99 3.69 -5.45
CA TYR A 150 11.06 2.83 -4.72
C TYR A 150 11.86 1.73 -4.04
N ALA A 151 11.70 1.59 -2.72
CA ALA A 151 12.47 0.61 -1.98
C ALA A 151 11.85 0.11 -0.68
N ASN A 152 11.77 -1.21 -0.53
CA ASN A 152 11.27 -1.80 0.70
C ASN A 152 12.31 -1.59 1.80
N ALA A 153 13.58 -1.47 1.42
CA ALA A 153 14.63 -1.26 2.40
C ALA A 153 14.49 0.15 2.99
N SER A 154 13.76 1.01 2.30
CA SER A 154 13.56 2.38 2.76
C SER A 154 12.33 2.49 3.67
N ILE A 155 11.14 2.29 3.11
CA ILE A 155 9.93 2.42 3.92
C ILE A 155 9.83 1.35 5.01
N GLY A 156 10.43 0.19 4.80
CA GLY A 156 10.40 -0.86 5.82
C GLY A 156 11.08 -0.37 7.08
N LEU A 157 12.24 0.27 6.94
CA LEU A 157 12.96 0.80 8.10
C LEU A 157 12.17 1.95 8.73
N PHE A 158 11.53 2.78 7.90
CA PHE A 158 10.71 3.87 8.44
C PHE A 158 9.67 3.26 9.37
N GLY A 159 9.01 2.20 8.92
CA GLY A 159 7.98 1.54 9.72
C GLY A 159 8.48 0.99 11.05
N ALA A 160 9.62 0.31 11.04
CA ALA A 160 10.18 -0.26 12.25
C ALA A 160 10.58 0.82 13.25
N LEU A 161 11.17 1.90 12.76
CA LEU A 161 11.61 2.98 13.65
C LEU A 161 10.46 3.87 14.13
N ALA A 162 9.43 3.99 13.31
CA ALA A 162 8.29 4.84 13.64
C ALA A 162 7.48 4.32 14.83
N VAL A 163 7.45 3.01 15.03
CA VAL A 163 6.70 2.43 16.14
C VAL A 163 7.52 2.29 17.42
N LYS A 164 8.83 2.57 17.33
CA LYS A 164 9.71 2.45 18.48
C LYS A 164 9.24 3.21 19.73
N PRO A 165 9.00 4.53 19.62
CA PRO A 165 8.53 5.29 20.79
C PRO A 165 7.31 4.66 21.49
N SER A 166 6.42 4.02 20.73
CA SER A 166 5.23 3.40 21.30
C SER A 166 5.56 2.21 22.19
N GLY A 167 6.72 1.61 21.97
CA GLY A 167 7.11 0.47 22.78
C GLY A 167 6.52 -0.82 22.25
N MET A 168 5.72 -0.72 21.19
CA MET A 168 5.09 -1.90 20.59
C MET A 168 5.74 -2.36 19.30
N PRO A 169 5.69 -3.66 19.02
CA PRO A 169 6.26 -4.22 17.80
C PRO A 169 5.31 -3.79 16.69
N TYR A 170 5.80 -3.69 15.46
CA TYR A 170 4.98 -3.27 14.34
C TYR A 170 3.59 -3.90 14.23
N GLU A 171 3.51 -5.23 14.31
CA GLU A 171 2.21 -5.89 14.19
C GLU A 171 1.23 -5.44 15.27
N GLN A 172 1.71 -5.39 16.51
CA GLN A 172 0.86 -4.97 17.61
C GLN A 172 0.45 -3.50 17.49
N ALA A 173 1.39 -2.63 17.11
CA ALA A 173 1.08 -1.21 16.96
C ALA A 173 0.01 -0.98 15.86
N MET A 174 0.13 -1.73 14.76
CA MET A 174 -0.82 -1.62 13.64
C MET A 174 -2.24 -2.07 14.05
N THR A 175 -2.31 -3.16 14.76
CA THR A 175 -3.60 -3.69 15.19
C THR A 175 -4.29 -2.78 16.19
N THR A 176 -3.54 -2.33 17.18
CA THR A 176 -4.06 -1.48 18.24
C THR A 176 -4.47 -0.06 17.80
N ARG A 177 -3.63 0.56 16.97
CA ARG A 177 -3.86 1.93 16.55
C ARG A 177 -4.58 2.18 15.23
N VAL A 178 -4.58 1.19 14.35
CA VAL A 178 -5.21 1.34 13.04
C VAL A 178 -6.36 0.39 12.77
N LEU A 179 -6.08 -0.92 12.74
CA LEU A 179 -7.09 -1.92 12.42
C LEU A 179 -8.29 -1.95 13.37
N LYS A 180 -8.01 -2.11 14.65
CA LYS A 180 -9.08 -2.20 15.63
C LYS A 180 -9.96 -0.96 15.66
N PRO A 181 -9.34 0.24 15.69
CA PRO A 181 -10.16 1.44 15.71
C PRO A 181 -11.11 1.56 14.51
N LEU A 182 -10.64 1.14 13.34
CA LEU A 182 -11.45 1.20 12.11
C LEU A 182 -12.31 -0.03 11.92
N LYS A 183 -12.29 -0.91 12.91
CA LYS A 183 -13.07 -2.16 12.86
C LYS A 183 -12.72 -3.05 11.68
N LEU A 184 -11.42 -3.15 11.39
CA LEU A 184 -10.94 -4.02 10.33
C LEU A 184 -10.52 -5.26 11.10
N ASP A 185 -11.50 -6.06 11.47
CA ASP A 185 -11.29 -7.27 12.27
C ASP A 185 -11.03 -8.56 11.51
N HIS A 186 -10.76 -8.44 10.22
CA HIS A 186 -10.46 -9.60 9.37
C HIS A 186 -9.30 -9.23 8.46
N THR A 187 -8.37 -8.46 9.03
CA THR A 187 -7.16 -8.00 8.36
C THR A 187 -6.01 -8.47 9.24
N TRP A 188 -5.09 -9.24 8.66
CA TRP A 188 -3.97 -9.80 9.42
C TRP A 188 -2.59 -9.75 8.77
N ILE A 189 -1.58 -9.96 9.60
CA ILE A 189 -0.21 -10.07 9.14
C ILE A 189 -0.07 -11.59 9.19
N ASN A 190 -0.42 -12.15 10.34
CA ASN A 190 -0.38 -13.59 10.56
C ASN A 190 -1.83 -14.05 10.64
N VAL A 191 -2.27 -14.82 9.66
CA VAL A 191 -3.65 -15.31 9.65
C VAL A 191 -3.83 -16.38 10.74
N PRO A 192 -4.80 -16.18 11.65
CA PRO A 192 -5.04 -17.16 12.73
C PRO A 192 -5.53 -18.46 12.12
N LYS A 193 -5.05 -19.61 12.60
CA LYS A 193 -5.49 -20.88 12.03
C LYS A 193 -7.02 -21.00 11.89
N ALA A 194 -7.76 -20.32 12.75
CA ALA A 194 -9.22 -20.36 12.69
C ALA A 194 -9.79 -19.61 11.48
N GLU A 195 -8.98 -18.76 10.86
CA GLU A 195 -9.42 -18.00 9.70
C GLU A 195 -8.82 -18.53 8.39
N GLU A 196 -7.89 -19.46 8.52
CA GLU A 196 -7.22 -20.02 7.34
C GLU A 196 -8.17 -20.58 6.27
N ALA A 197 -9.37 -20.98 6.67
CA ALA A 197 -10.31 -21.52 5.71
C ALA A 197 -10.76 -20.47 4.68
N HIS A 198 -10.56 -19.20 4.99
CA HIS A 198 -10.95 -18.11 4.10
C HIS A 198 -9.78 -17.65 3.23
N TYR A 199 -8.58 -18.11 3.59
CA TYR A 199 -7.36 -17.75 2.89
C TYR A 199 -7.31 -18.37 1.49
N ALA A 200 -7.36 -17.53 0.47
CA ALA A 200 -7.30 -18.02 -0.90
C ALA A 200 -5.88 -18.51 -1.20
N TRP A 201 -5.74 -19.28 -2.26
CA TRP A 201 -4.43 -19.73 -2.70
C TRP A 201 -4.07 -18.78 -3.84
N GLY A 202 -2.80 -18.44 -3.94
CA GLY A 202 -2.34 -17.59 -5.02
C GLY A 202 -1.91 -18.55 -6.13
N TYR A 203 -1.77 -18.06 -7.34
CA TYR A 203 -1.37 -18.90 -8.47
C TYR A 203 -0.30 -18.22 -9.32
N ARG A 204 0.80 -18.94 -9.57
CA ARG A 204 1.90 -18.44 -10.39
C ARG A 204 2.28 -19.54 -11.39
N ASP A 205 2.09 -19.26 -12.68
CA ASP A 205 2.39 -20.21 -13.75
C ASP A 205 1.73 -21.56 -13.48
N GLY A 206 0.48 -21.50 -13.01
CA GLY A 206 -0.26 -22.73 -12.74
C GLY A 206 -0.09 -23.38 -11.38
N LYS A 207 0.87 -22.93 -10.59
CA LYS A 207 1.10 -23.52 -9.26
C LYS A 207 0.42 -22.70 -8.16
N ALA A 208 -0.19 -23.40 -7.21
CA ALA A 208 -0.84 -22.76 -6.09
C ALA A 208 0.27 -22.33 -5.11
N VAL A 209 0.28 -21.06 -4.75
CA VAL A 209 1.31 -20.56 -3.85
C VAL A 209 0.77 -19.53 -2.85
N ARG A 210 1.51 -19.30 -1.77
CA ARG A 210 1.14 -18.32 -0.76
C ARG A 210 2.42 -17.69 -0.23
N ALA A 211 2.30 -16.50 0.36
CA ALA A 211 3.47 -15.79 0.90
C ALA A 211 4.16 -16.60 2.01
N VAL A 212 5.46 -16.35 2.17
CA VAL A 212 6.25 -17.01 3.20
C VAL A 212 6.78 -15.98 4.19
N ARG A 213 7.10 -16.42 5.41
CA ARG A 213 7.64 -15.55 6.46
C ARG A 213 9.14 -15.32 6.20
N VAL A 214 9.67 -14.21 6.72
CA VAL A 214 11.09 -13.88 6.57
C VAL A 214 11.82 -14.16 7.88
N SER A 215 13.11 -13.88 7.94
CA SER A 215 13.88 -14.12 9.17
C SER A 215 13.43 -13.16 10.27
N PRO A 216 13.29 -13.67 11.51
CA PRO A 216 12.86 -12.81 12.63
C PRO A 216 13.68 -11.51 12.73
N GLY A 217 12.97 -10.37 12.77
CA GLY A 217 13.63 -9.07 12.87
C GLY A 217 12.62 -7.94 13.00
N MET A 218 13.10 -6.71 13.10
CA MET A 218 12.21 -5.57 13.24
C MET A 218 11.42 -5.26 11.95
N LEU A 219 11.70 -6.01 10.89
CA LEU A 219 11.04 -5.84 9.59
C LEU A 219 10.26 -7.08 9.18
N ASP A 220 10.27 -8.13 10.01
CA ASP A 220 9.59 -9.36 9.65
C ASP A 220 8.06 -9.33 9.45
N ALA A 221 7.36 -8.54 10.26
CA ALA A 221 5.91 -8.47 10.12
C ALA A 221 5.52 -7.75 8.83
N GLN A 222 6.19 -6.63 8.55
CA GLN A 222 5.90 -5.84 7.35
C GLN A 222 6.28 -6.63 6.11
N ALA A 223 7.37 -7.37 6.19
CA ALA A 223 7.83 -8.18 5.07
C ALA A 223 6.78 -9.25 4.78
N TYR A 224 6.20 -9.82 5.84
CA TYR A 224 5.19 -10.86 5.68
C TYR A 224 3.93 -10.26 5.04
N GLY A 225 3.75 -8.95 5.21
CA GLY A 225 2.63 -8.27 4.60
C GLY A 225 1.24 -8.52 5.12
N VAL A 226 0.33 -7.65 4.71
CA VAL A 226 -1.05 -7.69 5.10
C VAL A 226 -1.93 -8.58 4.23
N LYS A 227 -2.84 -9.31 4.88
CA LYS A 227 -3.84 -10.17 4.24
C LYS A 227 -5.18 -9.62 4.73
N THR A 228 -6.16 -9.56 3.85
CA THR A 228 -7.47 -9.00 4.20
C THR A 228 -8.52 -9.41 3.17
N ASN A 229 -9.80 -9.21 3.49
CA ASN A 229 -10.87 -9.53 2.55
C ASN A 229 -11.37 -8.23 1.91
N VAL A 230 -12.26 -8.35 0.93
CA VAL A 230 -12.74 -7.19 0.20
C VAL A 230 -13.60 -6.21 1.02
N GLN A 231 -14.25 -6.71 2.07
CA GLN A 231 -15.09 -5.84 2.92
C GLN A 231 -14.21 -4.92 3.76
N ASP A 232 -13.22 -5.50 4.44
CA ASP A 232 -12.29 -4.70 5.24
C ASP A 232 -11.55 -3.72 4.32
N MET A 233 -11.13 -4.21 3.15
CA MET A 233 -10.41 -3.35 2.22
C MET A 233 -11.28 -2.17 1.75
N ALA A 234 -12.58 -2.43 1.54
CA ALA A 234 -13.48 -1.38 1.09
C ALA A 234 -13.58 -0.34 2.20
N ASN A 235 -13.66 -0.82 3.44
CA ASN A 235 -13.76 0.09 4.56
C ASN A 235 -12.45 0.84 4.76
N TRP A 236 -11.32 0.23 4.40
CA TRP A 236 -10.02 0.92 4.50
C TRP A 236 -10.03 2.11 3.51
N VAL A 237 -10.51 1.85 2.29
CA VAL A 237 -10.61 2.88 1.26
C VAL A 237 -11.55 3.99 1.73
N MET A 238 -12.68 3.62 2.33
CA MET A 238 -13.62 4.62 2.81
C MET A 238 -13.03 5.51 3.91
N ALA A 239 -12.25 4.95 4.83
CA ALA A 239 -11.63 5.75 5.89
C ALA A 239 -10.59 6.72 5.31
N ASN A 240 -9.83 6.28 4.31
CA ASN A 240 -8.81 7.13 3.68
C ASN A 240 -9.46 8.15 2.75
N MET A 241 -10.60 7.76 2.15
CA MET A 241 -11.36 8.64 1.25
C MET A 241 -12.01 9.79 2.03
N ALA A 242 -12.48 9.47 3.23
CA ALA A 242 -13.16 10.45 4.07
C ALA A 242 -12.70 10.40 5.53
N PRO A 243 -11.48 10.86 5.83
CA PRO A 243 -11.00 10.82 7.21
C PRO A 243 -11.85 11.64 8.19
N GLU A 244 -12.66 12.55 7.65
CA GLU A 244 -13.54 13.38 8.47
C GLU A 244 -14.53 12.52 9.27
N ASN A 245 -14.79 11.29 8.82
CA ASN A 245 -15.71 10.39 9.53
C ASN A 245 -15.02 9.49 10.55
N VAL A 246 -13.68 9.58 10.63
CA VAL A 246 -12.89 8.81 11.60
C VAL A 246 -12.86 9.61 12.91
N ALA A 247 -13.29 9.01 14.01
CA ALA A 247 -13.34 9.74 15.28
C ALA A 247 -12.02 9.99 16.02
N ASP A 248 -11.15 8.99 16.08
CA ASP A 248 -9.87 9.15 16.78
C ASP A 248 -9.10 10.30 16.15
N ALA A 249 -8.79 11.31 16.97
CA ALA A 249 -8.10 12.50 16.50
C ALA A 249 -6.73 12.26 15.85
N SER A 250 -5.88 11.43 16.44
CA SER A 250 -4.57 11.21 15.83
C SER A 250 -4.63 10.32 14.58
N LEU A 251 -5.52 9.34 14.55
CA LEU A 251 -5.61 8.48 13.37
C LEU A 251 -6.10 9.31 12.18
N LYS A 252 -7.09 10.17 12.45
CA LYS A 252 -7.66 11.04 11.43
C LYS A 252 -6.54 11.90 10.82
N GLN A 253 -5.67 12.42 11.68
CA GLN A 253 -4.57 13.25 11.20
C GLN A 253 -3.53 12.41 10.46
N GLY A 254 -3.32 11.19 10.94
CA GLY A 254 -2.36 10.29 10.31
C GLY A 254 -2.79 9.95 8.90
N ILE A 255 -4.09 9.76 8.72
CA ILE A 255 -4.61 9.47 7.39
C ILE A 255 -4.33 10.67 6.49
N ALA A 256 -4.54 11.88 7.00
CA ALA A 256 -4.28 13.09 6.22
C ALA A 256 -2.81 13.21 5.84
N LEU A 257 -1.93 12.94 6.81
CA LEU A 257 -0.48 13.01 6.56
C LEU A 257 -0.04 12.02 5.47
N ALA A 258 -0.68 10.86 5.41
CA ALA A 258 -0.32 9.84 4.41
C ALA A 258 -0.67 10.26 2.98
N GLN A 259 -1.68 11.12 2.83
CA GLN A 259 -2.08 11.63 1.52
C GLN A 259 -1.54 13.03 1.26
N SER A 260 -0.66 13.50 2.12
CA SER A 260 -0.10 14.81 1.88
C SER A 260 0.97 14.63 0.77
N ARG A 261 1.26 15.68 0.03
CA ARG A 261 2.26 15.62 -1.04
C ARG A 261 3.60 16.11 -0.52
N TYR A 262 4.59 15.21 -0.49
CA TYR A 262 5.94 15.51 -0.01
C TYR A 262 6.96 15.78 -1.13
N TRP A 263 6.75 15.13 -2.28
CA TRP A 263 7.66 15.31 -3.43
C TRP A 263 6.87 15.19 -4.73
N ARG A 264 7.31 15.90 -5.77
CA ARG A 264 6.68 15.79 -7.09
C ARG A 264 7.70 15.11 -8.00
N ILE A 265 7.25 14.04 -8.67
CA ILE A 265 8.09 13.29 -9.61
C ILE A 265 7.29 13.23 -10.92
N GLY A 266 7.62 14.11 -11.86
CA GLY A 266 6.90 14.15 -13.13
C GLY A 266 5.46 14.54 -12.89
N SER A 267 4.54 13.65 -13.24
CA SER A 267 3.12 13.94 -13.04
C SER A 267 2.53 13.32 -11.76
N MET A 268 3.37 12.68 -10.94
CA MET A 268 2.89 12.08 -9.69
C MET A 268 3.47 12.79 -8.46
N TYR A 269 2.86 12.51 -7.30
CA TYR A 269 3.28 13.07 -6.01
C TYR A 269 3.41 11.92 -5.01
N GLN A 270 4.46 11.93 -4.21
CA GLN A 270 4.66 10.87 -3.23
C GLN A 270 4.09 11.21 -1.87
N GLY A 271 3.25 10.33 -1.33
CA GLY A 271 2.70 10.52 0.01
C GLY A 271 3.40 9.49 0.89
N LEU A 272 2.77 9.12 2.01
CA LEU A 272 3.35 8.08 2.88
C LEU A 272 2.61 6.81 2.48
N GLY A 273 3.26 5.98 1.66
CA GLY A 273 2.64 4.77 1.17
C GLY A 273 1.84 5.09 -0.09
N TRP A 274 0.81 5.93 0.07
CA TRP A 274 -0.04 6.32 -1.05
C TRP A 274 0.73 7.15 -2.07
N GLU A 275 0.28 7.12 -3.32
CA GLU A 275 0.84 7.93 -4.40
C GLU A 275 -0.36 8.68 -5.00
N MET A 276 -0.12 9.89 -5.50
CA MET A 276 -1.22 10.71 -6.03
C MET A 276 -0.92 11.42 -7.35
N LEU A 277 -1.99 11.70 -8.09
CA LEU A 277 -1.90 12.46 -9.34
C LEU A 277 -3.06 13.45 -9.25
N ASN A 278 -2.89 14.65 -9.79
CA ASN A 278 -3.96 15.63 -9.77
C ASN A 278 -5.11 15.12 -10.64
N TRP A 279 -6.34 15.37 -10.20
CA TRP A 279 -7.53 14.97 -10.96
C TRP A 279 -8.12 16.26 -11.50
N PRO A 280 -8.59 16.26 -12.76
CA PRO A 280 -8.60 15.13 -13.69
C PRO A 280 -7.27 14.70 -14.31
N VAL A 281 -7.17 13.40 -14.61
CA VAL A 281 -5.97 12.86 -15.24
C VAL A 281 -6.41 11.87 -16.31
N GLU A 282 -5.66 11.81 -17.41
CA GLU A 282 -5.97 10.90 -18.49
C GLU A 282 -5.53 9.47 -18.16
N ALA A 283 -6.22 8.48 -18.72
CA ALA A 283 -5.88 7.09 -18.45
C ALA A 283 -4.44 6.75 -18.84
N ASN A 284 -3.99 7.19 -20.01
CA ASN A 284 -2.62 6.85 -20.43
C ASN A 284 -1.53 7.40 -19.50
N THR A 285 -1.78 8.52 -18.84
CA THR A 285 -0.79 9.05 -17.91
C THR A 285 -0.62 8.09 -16.74
N VAL A 286 -1.73 7.59 -16.20
CA VAL A 286 -1.70 6.70 -15.06
C VAL A 286 -1.19 5.32 -15.46
N VAL A 287 -1.73 4.78 -16.54
CA VAL A 287 -1.35 3.46 -17.04
C VAL A 287 0.13 3.41 -17.40
N GLU A 288 0.59 4.42 -18.12
CA GLU A 288 1.99 4.48 -18.53
C GLU A 288 2.95 4.62 -17.36
N GLY A 289 2.51 5.29 -16.30
CA GLY A 289 3.34 5.44 -15.13
C GLY A 289 3.43 4.16 -14.30
N SER A 290 2.49 3.22 -14.49
CA SER A 290 2.48 1.96 -13.73
C SER A 290 3.44 0.91 -14.27
N ASP A 291 4.06 1.18 -15.42
CA ASP A 291 5.01 0.25 -16.02
C ASP A 291 6.27 0.14 -15.13
N SER A 292 6.73 -1.08 -14.90
CA SER A 292 7.90 -1.31 -14.06
C SER A 292 9.11 -0.48 -14.48
N LYS A 293 9.29 -0.28 -15.78
CA LYS A 293 10.40 0.50 -16.31
C LYS A 293 10.48 1.88 -15.67
N VAL A 294 9.31 2.47 -15.41
CA VAL A 294 9.26 3.78 -14.78
C VAL A 294 9.05 3.67 -13.27
N ALA A 295 8.16 2.79 -12.84
CA ALA A 295 7.86 2.63 -11.41
C ALA A 295 9.08 2.26 -10.57
N LEU A 296 10.05 1.54 -11.15
CA LEU A 296 11.24 1.13 -10.40
C LEU A 296 12.52 1.94 -10.68
N ALA A 297 12.44 2.88 -11.61
CA ALA A 297 13.61 3.68 -11.96
C ALA A 297 13.90 4.76 -10.93
N PRO A 298 15.17 5.17 -10.81
CA PRO A 298 15.51 6.22 -9.85
C PRO A 298 15.24 7.52 -10.61
N LEU A 299 14.35 8.36 -10.09
CA LEU A 299 14.02 9.61 -10.78
C LEU A 299 14.19 10.83 -9.88
N PRO A 300 14.46 12.00 -10.48
CA PRO A 300 14.65 13.25 -9.74
C PRO A 300 13.35 13.74 -9.08
N VAL A 301 13.49 14.31 -7.89
CA VAL A 301 12.34 14.80 -7.15
C VAL A 301 12.34 16.31 -6.98
N ALA A 302 11.14 16.88 -6.87
CA ALA A 302 10.99 18.31 -6.64
C ALA A 302 10.37 18.35 -5.26
N GLU A 303 11.06 18.96 -4.30
CA GLU A 303 10.54 19.03 -2.95
C GLU A 303 9.30 19.92 -2.79
N VAL A 304 8.35 19.45 -1.98
CA VAL A 304 7.14 20.18 -1.68
C VAL A 304 7.30 20.56 -0.22
N ASN A 305 7.78 21.79 -0.01
CA ASN A 305 8.04 22.29 1.33
C ASN A 305 7.36 23.60 1.69
N PRO A 306 6.49 23.59 2.73
CA PRO A 306 6.18 22.39 3.51
C PRO A 306 5.27 21.46 2.74
N PRO A 307 5.08 20.22 3.22
CA PRO A 307 4.22 19.27 2.50
C PRO A 307 2.80 19.81 2.28
N ALA A 308 2.27 19.55 1.09
CA ALA A 308 0.94 20.01 0.76
C ALA A 308 -0.09 19.06 1.38
N PRO A 309 -1.04 19.60 2.18
CA PRO A 309 -2.05 18.73 2.79
C PRO A 309 -2.86 18.06 1.67
N PRO A 310 -3.63 17.00 2.00
CA PRO A 310 -4.44 16.28 1.01
C PRO A 310 -5.22 17.18 0.05
N VAL A 311 -5.12 16.88 -1.25
CA VAL A 311 -5.82 17.64 -2.28
C VAL A 311 -7.01 16.77 -2.66
N LYS A 312 -8.22 17.28 -2.47
CA LYS A 312 -9.42 16.50 -2.80
C LYS A 312 -9.43 16.07 -4.26
N ALA A 313 -9.10 16.97 -5.16
CA ALA A 313 -9.07 16.64 -6.59
C ALA A 313 -7.79 15.88 -6.93
N SER A 314 -7.72 14.64 -6.44
CA SER A 314 -6.57 13.76 -6.67
C SER A 314 -7.02 12.34 -7.05
N TRP A 315 -6.16 11.64 -7.76
CA TRP A 315 -6.37 10.24 -8.09
C TRP A 315 -5.37 9.64 -7.08
N VAL A 316 -5.87 8.93 -6.04
CA VAL A 316 -5.01 8.34 -5.03
C VAL A 316 -5.00 6.84 -5.26
N HIS A 317 -3.82 6.23 -5.31
CA HIS A 317 -3.76 4.81 -5.60
C HIS A 317 -2.49 4.12 -5.12
N LYS A 318 -2.52 2.79 -5.21
CA LYS A 318 -1.37 1.97 -4.87
C LYS A 318 -1.59 0.58 -5.44
N THR A 319 -0.58 0.05 -6.11
CA THR A 319 -0.65 -1.28 -6.67
C THR A 319 0.18 -2.17 -5.72
N GLY A 320 -0.08 -3.47 -5.74
CA GLY A 320 0.68 -4.37 -4.88
C GLY A 320 0.56 -5.81 -5.36
N SER A 321 1.65 -6.56 -5.24
CA SER A 321 1.64 -7.96 -5.67
C SER A 321 2.54 -8.79 -4.76
N THR A 322 2.34 -10.10 -4.83
CA THR A 322 3.16 -11.08 -4.11
C THR A 322 3.37 -12.16 -5.17
N GLY A 323 3.99 -13.28 -4.81
CA GLY A 323 4.20 -14.33 -5.79
C GLY A 323 2.93 -14.79 -6.50
N GLY A 324 1.84 -14.95 -5.76
CA GLY A 324 0.62 -15.42 -6.41
C GLY A 324 -0.60 -14.50 -6.39
N PHE A 325 -0.42 -13.25 -5.97
CA PHE A 325 -1.53 -12.30 -5.90
C PHE A 325 -1.25 -10.95 -6.56
N GLY A 326 -2.31 -10.33 -7.08
CA GLY A 326 -2.20 -9.02 -7.71
C GLY A 326 -3.37 -8.14 -7.27
N SER A 327 -3.07 -7.01 -6.62
CA SER A 327 -4.12 -6.12 -6.13
C SER A 327 -3.91 -4.66 -6.53
N TYR A 328 -4.98 -3.89 -6.52
CA TYR A 328 -4.93 -2.46 -6.85
C TYR A 328 -6.07 -1.71 -6.18
N VAL A 329 -5.77 -0.52 -5.67
CA VAL A 329 -6.76 0.35 -5.04
C VAL A 329 -6.58 1.78 -5.54
N ALA A 330 -7.70 2.45 -5.79
CA ALA A 330 -7.68 3.83 -6.28
C ALA A 330 -8.98 4.54 -5.87
N PHE A 331 -8.88 5.83 -5.60
CA PHE A 331 -10.07 6.60 -5.22
C PHE A 331 -9.87 8.08 -5.50
N ILE A 332 -10.98 8.80 -5.69
CA ILE A 332 -10.94 10.23 -5.98
C ILE A 332 -11.78 10.93 -4.92
N PRO A 333 -11.13 11.50 -3.91
CA PRO A 333 -11.86 12.20 -2.83
C PRO A 333 -12.93 13.21 -3.31
N GLU A 334 -12.57 14.07 -4.25
CA GLU A 334 -13.51 15.07 -4.76
C GLU A 334 -14.85 14.47 -5.20
N LYS A 335 -14.80 13.28 -5.80
CA LYS A 335 -16.00 12.62 -6.30
C LYS A 335 -16.57 11.57 -5.36
N GLN A 336 -15.82 11.24 -4.32
CA GLN A 336 -16.22 10.24 -3.36
C GLN A 336 -16.52 8.90 -4.04
N ILE A 337 -15.64 8.51 -4.97
CA ILE A 337 -15.78 7.21 -5.63
C ILE A 337 -14.44 6.52 -5.48
N GLY A 338 -14.48 5.20 -5.40
CA GLY A 338 -13.26 4.43 -5.23
C GLY A 338 -13.45 3.00 -5.65
N ILE A 339 -12.35 2.26 -5.75
CA ILE A 339 -12.42 0.87 -6.14
C ILE A 339 -11.28 0.03 -5.57
N VAL A 340 -11.61 -1.22 -5.26
CA VAL A 340 -10.64 -2.17 -4.74
C VAL A 340 -10.74 -3.37 -5.65
N MET A 341 -9.61 -3.87 -6.12
CA MET A 341 -9.58 -5.07 -6.98
C MET A 341 -8.55 -6.04 -6.44
N LEU A 342 -9.02 -7.13 -5.83
CA LEU A 342 -8.15 -8.17 -5.27
C LEU A 342 -8.21 -9.41 -6.15
N ALA A 343 -7.06 -9.91 -6.60
CA ALA A 343 -7.02 -11.11 -7.45
C ALA A 343 -5.97 -12.12 -6.98
N ASN A 344 -6.21 -13.40 -7.22
CA ASN A 344 -5.22 -14.39 -6.79
C ASN A 344 -4.28 -14.87 -7.88
N THR A 345 -3.78 -13.90 -8.64
CA THR A 345 -2.75 -14.10 -9.63
C THR A 345 -2.18 -12.70 -9.91
N SER A 346 -0.86 -12.59 -9.99
CA SER A 346 -0.22 -11.31 -10.26
C SER A 346 -0.16 -11.01 -11.76
N TYR A 347 -1.10 -10.22 -12.26
CA TYR A 347 -1.09 -9.86 -13.67
C TYR A 347 -0.55 -8.43 -13.82
N PRO A 348 -0.15 -8.04 -15.04
CA PRO A 348 0.40 -6.70 -15.30
C PRO A 348 -0.30 -5.51 -14.66
N ASN A 349 0.48 -4.69 -13.97
CA ASN A 349 -0.08 -3.51 -13.32
C ASN A 349 -0.80 -2.57 -14.26
N PRO A 350 -0.33 -2.45 -15.52
CA PRO A 350 -1.05 -1.54 -16.43
C PRO A 350 -2.48 -2.01 -16.71
N ALA A 351 -2.70 -3.32 -16.72
CA ALA A 351 -4.02 -3.88 -16.97
C ALA A 351 -4.93 -3.58 -15.78
N ARG A 352 -4.34 -3.58 -14.58
CA ARG A 352 -5.09 -3.28 -13.36
C ARG A 352 -5.56 -1.84 -13.42
N VAL A 353 -4.63 -0.93 -13.70
CA VAL A 353 -4.94 0.50 -13.79
C VAL A 353 -5.98 0.80 -14.85
N GLU A 354 -5.80 0.23 -16.04
CA GLU A 354 -6.71 0.46 -17.16
C GLU A 354 -8.15 0.10 -16.79
N ALA A 355 -8.32 -1.06 -16.15
CA ALA A 355 -9.61 -1.57 -15.73
C ALA A 355 -10.26 -0.71 -14.65
N ALA A 356 -9.49 -0.36 -13.63
CA ALA A 356 -9.97 0.48 -12.54
C ALA A 356 -10.42 1.83 -13.07
N TYR A 357 -9.63 2.41 -13.96
CA TYR A 357 -9.91 3.71 -14.54
C TYR A 357 -11.23 3.67 -15.31
N HIS A 358 -11.41 2.60 -16.09
CA HIS A 358 -12.61 2.44 -16.89
C HIS A 358 -13.87 2.41 -16.03
N ILE A 359 -13.83 1.63 -14.96
CA ILE A 359 -14.97 1.52 -14.07
C ILE A 359 -15.26 2.83 -13.33
N LEU A 360 -14.22 3.50 -12.83
CA LEU A 360 -14.46 4.76 -12.11
C LEU A 360 -14.85 5.87 -13.07
N GLU A 361 -14.34 5.81 -14.29
CA GLU A 361 -14.67 6.81 -15.29
C GLU A 361 -16.20 6.86 -15.53
N ALA A 362 -16.85 5.72 -15.39
CA ALA A 362 -18.29 5.64 -15.59
C ALA A 362 -19.08 6.31 -14.47
N LEU A 363 -18.47 6.41 -13.28
CA LEU A 363 -19.11 7.00 -12.12
C LEU A 363 -18.86 8.49 -11.95
N GLN A 364 -18.06 9.06 -12.84
CA GLN A 364 -17.63 10.44 -12.67
C GLN A 364 -18.61 11.39 -13.34
#